data_5AX1
#
_entry.id   5AX1
#
_cell.length_a   75.990
_cell.length_b   101.630
_cell.length_c   43.760
_cell.angle_alpha   90.00
_cell.angle_beta   119.17
_cell.angle_gamma   90.00
#
_symmetry.space_group_name_H-M   'C 1 2 1'
#
loop_
_entity.id
_entity.type
_entity.pdbx_description
1 polymer 'Rhodopsin I'
2 non-polymer RETINAL
3 non-polymer '(2S)-2,3-dihydroxypropyl (9Z)-octadec-9-enoate'
4 non-polymer TETRADECANE
5 non-polymer DECANE
6 non-polymer HEXADECANE
7 non-polymer DODECANE
8 water water
#
_entity_poly.entity_id   1
_entity_poly.type   'polypeptide(L)'
_entity_poly.pdbx_seq_one_letter_code
;GSSGSSGMSNPNPFQTTLGTDAQWVVFAVMALAAIVFSIAVQFRPLPLRLTYYVNIAICTIAATAYYAMAVNGGDNKPTA
GTGADERQVIYARYIDWVFTTPLLLLDLVLLTNMPATMIAWIMGADIAMIAFGIIGAFTVGSYKWFYFVVGCIMLAVLAW
GMINPIFKEELQKHKEYTGAYTTLLIYLIVLWVIYPIVWGLGAGGHIIGVDVEIIAMGILDLLAKPLYAIGVLITVEVVY
GKLG
;
_entity_poly.pdbx_strand_id   A
#
loop_
_chem_comp.id
_chem_comp.type
_chem_comp.name
_chem_comp.formula
C14 non-polymer TETRADECANE 'C14 H30'
D10 non-polymer DECANE 'C10 H22'
D12 non-polymer DODECANE 'C12 H26'
OLB non-polymer '(2S)-2,3-dihydroxypropyl (9Z)-octadec-9-enoate' 'C21 H40 O4'
R16 non-polymer HEXADECANE 'C16 H34'
RET non-polymer RETINAL 'C20 H28 O'
#
# COMPACT_ATOMS: atom_id res chain seq x y z
N SER A 9 -18.11 11.97 -19.41
CA SER A 9 -17.08 10.96 -19.60
C SER A 9 -15.68 11.53 -19.47
N ASN A 10 -14.76 10.73 -18.91
CA ASN A 10 -13.39 11.15 -18.68
C ASN A 10 -13.27 12.53 -18.03
N PRO A 11 -14.00 12.75 -16.92
CA PRO A 11 -14.00 14.08 -16.31
C PRO A 11 -12.64 14.44 -15.70
N ASN A 12 -12.27 15.71 -15.75
CA ASN A 12 -11.06 16.20 -15.06
C ASN A 12 -9.86 15.26 -15.21
N PRO A 13 -9.42 15.02 -16.46
CA PRO A 13 -8.46 13.94 -16.70
C PRO A 13 -6.99 14.34 -16.48
N PHE A 14 -6.76 15.51 -15.88
CA PHE A 14 -5.41 15.97 -15.55
C PHE A 14 -5.32 16.52 -14.13
N GLN A 15 -4.20 16.26 -13.48
CA GLN A 15 -3.94 16.78 -12.14
C GLN A 15 -3.97 18.32 -12.12
N THR A 16 -4.64 18.90 -11.14
CA THR A 16 -4.62 20.35 -10.93
C THR A 16 -4.00 20.65 -9.59
N THR A 17 -4.02 21.92 -9.19
CA THR A 17 -3.47 22.31 -7.90
C THR A 17 -4.20 21.64 -6.73
N LEU A 18 -5.46 21.24 -6.93
CA LEU A 18 -6.16 20.45 -5.92
C LEU A 18 -5.42 19.14 -5.59
N GLY A 19 -5.06 18.39 -6.63
CA GLY A 19 -4.34 17.15 -6.45
C GLY A 19 -2.96 17.38 -5.86
N THR A 20 -2.28 18.40 -6.37
CA THR A 20 -0.94 18.76 -5.91
C THR A 20 -0.93 19.09 -4.42
N ASP A 21 -1.88 19.90 -3.99
CA ASP A 21 -1.99 20.26 -2.57
C ASP A 21 -2.22 19.03 -1.71
N ALA A 22 -3.04 18.11 -2.19
CA ALA A 22 -3.31 16.87 -1.45
C ALA A 22 -2.03 16.05 -1.28
N GLN A 23 -1.22 16.00 -2.34
CA GLN A 23 0.01 15.21 -2.29
C GLN A 23 1.02 15.83 -1.30
N TRP A 24 1.09 17.15 -1.28
CA TRP A 24 1.97 17.82 -0.31
C TRP A 24 1.54 17.51 1.12
N VAL A 25 0.24 17.46 1.37
CA VAL A 25 -0.27 17.16 2.70
C VAL A 25 0.14 15.74 3.11
N VAL A 26 -0.05 14.78 2.21
CA VAL A 26 0.32 13.40 2.51
C VAL A 26 1.82 13.26 2.65
N PHE A 27 2.58 13.94 1.79
CA PHE A 27 4.04 14.02 1.95
C PHE A 27 4.44 14.40 3.38
N ALA A 28 3.87 15.48 3.89
CA ALA A 28 4.21 15.99 5.22
C ALA A 28 3.92 14.96 6.32
N VAL A 29 2.76 14.30 6.23
CA VAL A 29 2.41 13.31 7.24
C VAL A 29 3.36 12.11 7.18
N MET A 30 3.65 11.61 5.98
CA MET A 30 4.55 10.46 5.83
C MET A 30 5.94 10.77 6.37
N ALA A 31 6.42 11.98 6.08
CA ALA A 31 7.75 12.39 6.52
C ALA A 31 7.79 12.47 8.04
N LEU A 32 6.79 13.12 8.62
CA LEU A 32 6.66 13.23 10.07
C LEU A 32 6.63 11.86 10.75
N ALA A 33 5.86 10.93 10.21
CA ALA A 33 5.80 9.59 10.78
C ALA A 33 7.17 8.92 10.77
N ALA A 34 7.88 9.03 9.66
CA ALA A 34 9.21 8.42 9.54
C ALA A 34 10.15 8.99 10.61
N ILE A 35 10.09 10.29 10.80
CA ILE A 35 10.93 10.98 11.77
C ILE A 35 10.58 10.53 13.19
N VAL A 36 9.28 10.52 13.51
CA VAL A 36 8.85 10.14 14.84
C VAL A 36 9.26 8.69 15.18
N PHE A 37 9.04 7.77 14.24
CA PHE A 37 9.44 6.37 14.44
C PHE A 37 10.94 6.26 14.57
N SER A 38 11.68 7.04 13.78
CA SER A 38 13.14 7.01 13.84
C SER A 38 13.70 7.47 15.18
N ILE A 39 13.02 8.41 15.81
CA ILE A 39 13.47 8.88 17.12
C ILE A 39 13.02 7.87 18.20
N ALA A 40 11.80 7.37 18.07
CA ALA A 40 11.23 6.44 19.06
C ALA A 40 12.03 5.16 19.22
N VAL A 41 12.47 4.59 18.09
CA VAL A 41 13.15 3.29 18.10
C VAL A 41 14.44 3.31 18.91
N GLN A 42 15.07 4.49 19.04
CA GLN A 42 16.27 4.65 19.83
C GLN A 42 16.06 4.30 21.31
N PHE A 43 14.80 4.40 21.77
CA PHE A 43 14.48 4.17 23.18
C PHE A 43 13.93 2.77 23.46
N ARG A 44 13.89 1.93 22.44
CA ARG A 44 13.23 0.63 22.56
C ARG A 44 14.24 -0.53 22.56
N PRO A 45 13.94 -1.61 23.30
CA PRO A 45 14.87 -2.74 23.35
C PRO A 45 15.07 -3.40 21.99
N LEU A 46 16.23 -3.99 21.77
CA LEU A 46 16.60 -4.55 20.46
C LEU A 46 15.57 -5.47 19.79
N PRO A 47 14.92 -6.38 20.54
CA PRO A 47 13.98 -7.27 19.84
C PRO A 47 12.83 -6.56 19.10
N LEU A 48 12.55 -5.31 19.46
CA LEU A 48 11.46 -4.57 18.82
C LEU A 48 11.91 -3.73 17.63
N ARG A 49 13.21 -3.56 17.47
CA ARG A 49 13.70 -2.53 16.54
C ARG A 49 13.45 -2.87 15.07
N LEU A 50 13.52 -4.14 14.69
CA LEU A 50 13.23 -4.52 13.31
C LEU A 50 11.84 -4.02 12.87
N THR A 51 10.84 -4.20 13.72
CA THR A 51 9.49 -3.78 13.36
C THR A 51 9.43 -2.24 13.16
N TYR A 52 10.11 -1.49 14.03
CA TYR A 52 10.20 -0.04 13.82
C TYR A 52 10.88 0.26 12.49
N TYR A 53 11.99 -0.40 12.19
CA TYR A 53 12.73 -0.10 10.95
C TYR A 53 11.88 -0.36 9.70
N VAL A 54 11.09 -1.41 9.74
CA VAL A 54 10.21 -1.74 8.61
C VAL A 54 9.25 -0.58 8.34
N ASN A 55 8.69 -0.04 9.42
CA ASN A 55 7.72 1.04 9.27
C ASN A 55 8.37 2.38 8.97
N ILE A 56 9.60 2.57 9.44
CA ILE A 56 10.37 3.76 9.07
C ILE A 56 10.64 3.75 7.57
N ALA A 57 11.04 2.59 7.04
CA ALA A 57 11.26 2.43 5.60
C ALA A 57 9.98 2.68 4.79
N ILE A 58 8.87 2.09 5.22
CA ILE A 58 7.58 2.26 4.53
C ILE A 58 7.23 3.73 4.39
N CYS A 59 7.33 4.47 5.49
CA CYS A 59 6.93 5.88 5.51
C CYS A 59 7.91 6.76 4.74
N THR A 60 9.19 6.39 4.78
CA THR A 60 10.22 7.13 4.04
C THR A 60 10.04 6.97 2.53
N ILE A 61 9.80 5.75 2.08
CA ILE A 61 9.53 5.48 0.67
C ILE A 61 8.26 6.22 0.22
N ALA A 62 7.21 6.17 1.03
CA ALA A 62 5.97 6.87 0.68
C ALA A 62 6.17 8.40 0.63
N ALA A 63 6.93 8.95 1.58
CA ALA A 63 7.21 10.38 1.55
C ALA A 63 7.95 10.77 0.28
N THR A 64 8.92 9.95 -0.11
CA THR A 64 9.70 10.18 -1.32
C THR A 64 8.81 10.17 -2.57
N ALA A 65 7.92 9.20 -2.64
CA ALA A 65 6.99 9.09 -3.77
C ALA A 65 6.02 10.27 -3.84
N TYR A 66 5.51 10.71 -2.70
CA TYR A 66 4.59 11.84 -2.71
C TYR A 66 5.31 13.15 -3.04
N TYR A 67 6.55 13.29 -2.59
CA TYR A 67 7.36 14.43 -3.00
C TYR A 67 7.44 14.47 -4.53
N ALA A 68 7.75 13.33 -5.13
CA ALA A 68 7.90 13.24 -6.58
C ALA A 68 6.59 13.59 -7.30
N MET A 69 5.49 13.04 -6.83
CA MET A 69 4.19 13.32 -7.43
C MET A 69 3.79 14.79 -7.30
N ALA A 70 4.09 15.41 -6.16
CA ALA A 70 3.69 16.81 -5.93
C ALA A 70 4.52 17.77 -6.75
N VAL A 71 5.80 17.47 -6.92
CA VAL A 71 6.70 18.32 -7.69
C VAL A 71 6.46 18.21 -9.20
N ASN A 72 6.10 17.02 -9.65
CA ASN A 72 5.99 16.74 -11.09
C ASN A 72 4.57 16.64 -11.65
N GLY A 73 3.58 16.47 -10.78
CA GLY A 73 2.21 16.20 -11.23
C GLY A 73 1.61 17.27 -12.14
N GLY A 74 2.00 18.52 -11.90
CA GLY A 74 1.52 19.64 -12.70
C GLY A 74 2.04 19.64 -14.13
N ASP A 75 3.04 18.81 -14.42
CA ASP A 75 3.53 18.68 -15.80
C ASP A 75 2.45 18.09 -16.72
N ASN A 76 1.48 17.38 -16.14
CA ASN A 76 0.36 16.78 -16.87
C ASN A 76 0.83 15.79 -17.94
N LYS A 77 1.87 15.04 -17.57
CA LYS A 77 2.47 14.00 -18.39
C LYS A 77 2.96 12.92 -17.43
N PRO A 78 3.07 11.67 -17.89
CA PRO A 78 2.66 11.16 -19.21
C PRO A 78 1.15 10.96 -19.27
N THR A 79 0.64 10.58 -20.44
CA THR A 79 -0.78 10.30 -20.59
C THR A 79 -1.01 8.98 -21.33
N ALA A 80 -2.21 8.42 -21.18
CA ALA A 80 -2.64 7.29 -22.00
C ALA A 80 -3.92 7.63 -22.71
N GLY A 81 -4.04 7.19 -23.96
CA GLY A 81 -5.24 7.42 -24.75
C GLY A 81 -5.10 8.70 -25.57
N THR A 82 -6.03 8.90 -26.49
CA THR A 82 -5.97 10.07 -27.37
C THR A 82 -7.31 10.80 -27.41
N GLY A 83 -7.28 12.02 -27.94
CA GLY A 83 -8.50 12.80 -28.07
C GLY A 83 -9.21 12.96 -26.75
N ALA A 84 -10.52 12.80 -26.77
CA ALA A 84 -11.36 13.05 -25.60
C ALA A 84 -11.15 12.04 -24.48
N ASP A 85 -10.45 10.94 -24.78
CA ASP A 85 -10.23 9.87 -23.82
C ASP A 85 -8.84 9.92 -23.18
N GLU A 86 -8.05 10.92 -23.57
CA GLU A 86 -6.70 11.08 -23.02
C GLU A 86 -6.75 11.42 -21.53
N ARG A 87 -5.95 10.74 -20.74
CA ARG A 87 -5.95 10.90 -19.28
C ARG A 87 -4.53 10.79 -18.75
N GLN A 88 -4.17 11.68 -17.82
CA GLN A 88 -2.86 11.66 -17.21
C GLN A 88 -2.61 10.33 -16.49
N VAL A 89 -1.42 9.77 -16.64
CA VAL A 89 -1.03 8.60 -15.86
C VAL A 89 0.00 8.97 -14.79
N ILE A 90 -0.41 8.84 -13.54
CA ILE A 90 0.49 9.01 -12.41
C ILE A 90 1.06 7.63 -12.03
N TYR A 91 2.33 7.41 -12.32
CA TYR A 91 2.89 6.06 -12.13
C TYR A 91 3.86 5.94 -10.95
N ALA A 92 4.22 7.06 -10.32
CA ALA A 92 5.12 6.99 -9.17
C ALA A 92 4.52 6.17 -8.04
N ARG A 93 3.21 6.23 -7.89
CA ARG A 93 2.52 5.45 -6.86
C ARG A 93 2.86 3.94 -6.96
N TYR A 94 3.00 3.40 -8.17
CA TYR A 94 3.31 1.96 -8.32
C TYR A 94 4.74 1.64 -7.90
N ILE A 95 5.65 2.59 -8.08
CA ILE A 95 7.03 2.39 -7.66
C ILE A 95 7.10 2.38 -6.12
N ASP A 96 6.35 3.28 -5.49
CA ASP A 96 6.09 3.23 -4.05
C ASP A 96 5.62 1.81 -3.67
N TRP A 97 4.50 1.39 -4.25
CA TRP A 97 3.82 0.17 -3.80
C TRP A 97 4.64 -1.10 -3.97
N VAL A 98 5.49 -1.17 -5.00
CA VAL A 98 6.22 -2.41 -5.23
C VAL A 98 7.23 -2.65 -4.09
N PHE A 99 7.65 -1.58 -3.42
CA PHE A 99 8.50 -1.72 -2.25
C PHE A 99 7.72 -1.73 -0.93
N THR A 100 6.68 -0.89 -0.82
CA THR A 100 6.03 -0.76 0.47
C THR A 100 5.03 -1.87 0.77
N THR A 101 4.33 -2.39 -0.23
CA THR A 101 3.33 -3.41 0.09
C THR A 101 3.99 -4.72 0.58
N PRO A 102 5.15 -5.12 0.03
CA PRO A 102 5.77 -6.26 0.71
C PRO A 102 6.23 -5.97 2.14
N LEU A 103 6.65 -4.73 2.40
CA LEU A 103 7.04 -4.38 3.77
C LEU A 103 5.83 -4.37 4.69
N LEU A 104 4.69 -3.92 4.18
CA LEU A 104 3.46 -3.90 4.99
C LEU A 104 3.04 -5.31 5.35
N LEU A 105 3.19 -6.25 4.42
CA LEU A 105 2.92 -7.66 4.72
C LEU A 105 3.95 -8.18 5.72
N LEU A 106 5.20 -7.75 5.56
CA LEU A 106 6.27 -8.24 6.42
C LEU A 106 5.97 -7.88 7.87
N ASP A 107 5.36 -6.73 8.11
CA ASP A 107 4.94 -6.32 9.46
C ASP A 107 4.21 -7.46 10.19
N LEU A 108 3.30 -8.11 9.48
CA LEU A 108 2.48 -9.18 10.05
C LEU A 108 3.16 -10.55 9.94
N VAL A 109 3.90 -10.78 8.86
CA VAL A 109 4.62 -12.04 8.67
C VAL A 109 5.61 -12.27 9.84
N LEU A 110 6.18 -11.18 10.35
CA LEU A 110 7.11 -11.23 11.47
C LEU A 110 6.44 -11.77 12.74
N LEU A 111 5.12 -11.72 12.79
CA LEU A 111 4.37 -12.26 13.93
C LEU A 111 4.01 -13.74 13.76
N THR A 112 4.53 -14.37 12.71
CA THR A 112 4.18 -15.75 12.40
C THR A 112 5.40 -16.65 12.26
N ASN A 113 5.15 -17.96 12.20
CA ASN A 113 6.19 -18.91 11.79
C ASN A 113 5.94 -19.48 10.39
N MET A 114 5.56 -18.63 9.43
CA MET A 114 5.46 -19.08 8.05
C MET A 114 6.82 -19.49 7.52
N PRO A 115 6.90 -20.64 6.83
CA PRO A 115 8.15 -21.05 6.19
C PRO A 115 8.50 -20.16 5.00
N ALA A 116 9.78 -20.15 4.63
CA ALA A 116 10.25 -19.25 3.57
C ALA A 116 9.53 -19.47 2.25
N THR A 117 9.26 -20.72 1.92
CA THR A 117 8.54 -21.05 0.68
C THR A 117 7.18 -20.34 0.60
N MET A 118 6.48 -20.27 1.73
CA MET A 118 5.15 -19.64 1.77
C MET A 118 5.24 -18.11 1.68
N ILE A 119 6.15 -17.52 2.45
CA ILE A 119 6.39 -16.08 2.36
C ILE A 119 6.72 -15.70 0.90
N ALA A 120 7.49 -16.55 0.24
CA ALA A 120 7.89 -16.34 -1.14
C ALA A 120 6.71 -16.18 -2.11
N TRP A 121 5.73 -17.07 -2.07
CA TRP A 121 4.65 -16.93 -3.04
C TRP A 121 3.65 -15.84 -2.65
N ILE A 122 3.56 -15.54 -1.35
CA ILE A 122 2.71 -14.44 -0.90
C ILE A 122 3.31 -13.13 -1.42
N MET A 123 4.62 -12.97 -1.25
CA MET A 123 5.29 -11.76 -1.69
C MET A 123 5.30 -11.67 -3.21
N GLY A 124 5.39 -12.83 -3.87
CA GLY A 124 5.39 -12.90 -5.31
C GLY A 124 4.07 -12.45 -5.90
N ALA A 125 2.97 -12.90 -5.30
CA ALA A 125 1.63 -12.48 -5.73
C ALA A 125 1.49 -10.96 -5.56
N ASP A 126 2.01 -10.46 -4.44
CA ASP A 126 1.95 -9.04 -4.13
C ASP A 126 2.67 -8.22 -5.19
N ILE A 127 3.88 -8.62 -5.53
CA ILE A 127 4.64 -7.90 -6.54
C ILE A 127 3.98 -7.99 -7.93
N ALA A 128 3.46 -9.16 -8.27
CA ALA A 128 2.72 -9.35 -9.51
C ALA A 128 1.52 -8.40 -9.61
N MET A 129 0.80 -8.28 -8.51
CA MET A 129 -0.37 -7.41 -8.42
C MET A 129 -0.03 -5.97 -8.83
N ILE A 130 1.08 -5.47 -8.28
CA ILE A 130 1.47 -4.11 -8.59
C ILE A 130 1.90 -4.00 -10.05
N ALA A 131 2.61 -5.02 -10.54
CA ALA A 131 3.06 -5.05 -11.93
C ALA A 131 1.89 -5.01 -12.92
N PHE A 132 0.86 -5.80 -12.65
CA PHE A 132 -0.32 -5.79 -13.52
C PHE A 132 -1.03 -4.43 -13.46
N GLY A 133 -0.99 -3.80 -12.28
CA GLY A 133 -1.56 -2.48 -12.13
C GLY A 133 -0.93 -1.41 -13.02
N ILE A 134 0.41 -1.34 -13.02
CA ILE A 134 1.08 -0.31 -13.82
C ILE A 134 0.99 -0.60 -15.31
N ILE A 135 1.04 -1.87 -15.70
CA ILE A 135 0.87 -2.23 -17.11
C ILE A 135 -0.53 -1.85 -17.57
N GLY A 136 -1.53 -2.18 -16.75
CA GLY A 136 -2.90 -1.83 -17.04
C GLY A 136 -3.08 -0.33 -17.14
N ALA A 137 -2.38 0.41 -16.27
CA ALA A 137 -2.50 1.86 -16.24
C ALA A 137 -2.08 2.51 -17.55
N PHE A 138 -1.12 1.91 -18.24
CA PHE A 138 -0.65 2.45 -19.52
C PHE A 138 -1.32 1.82 -20.76
N THR A 139 -2.16 0.82 -20.54
CA THR A 139 -2.81 0.10 -21.63
C THR A 139 -4.07 0.82 -22.11
N VAL A 140 -4.13 1.10 -23.39
CA VAL A 140 -5.31 1.72 -23.97
C VAL A 140 -6.28 0.66 -24.48
N GLY A 141 -7.54 0.79 -24.08
CA GLY A 141 -8.55 -0.12 -24.59
C GLY A 141 -8.82 -1.30 -23.69
N SER A 142 -9.68 -2.19 -24.17
CA SER A 142 -10.27 -3.26 -23.37
C SER A 142 -9.32 -4.27 -22.75
N TYR A 143 -8.14 -4.45 -23.33
CA TYR A 143 -7.18 -5.42 -22.79
C TYR A 143 -6.67 -5.04 -21.41
N LYS A 144 -6.85 -3.78 -21.03
CA LYS A 144 -6.43 -3.32 -19.71
C LYS A 144 -7.12 -4.12 -18.61
N TRP A 145 -8.32 -4.61 -18.90
CA TRP A 145 -9.13 -5.27 -17.87
C TRP A 145 -8.64 -6.69 -17.59
N PHE A 146 -7.89 -7.25 -18.53
CA PHE A 146 -7.27 -8.54 -18.28
C PHE A 146 -6.20 -8.39 -17.20
N TYR A 147 -5.38 -7.35 -17.32
CA TYR A 147 -4.37 -7.05 -16.31
C TYR A 147 -5.02 -6.78 -14.97
N PHE A 148 -6.10 -6.01 -14.99
CA PHE A 148 -6.82 -5.65 -13.78
C PHE A 148 -7.33 -6.89 -13.07
N VAL A 149 -8.02 -7.75 -13.80
CA VAL A 149 -8.62 -8.92 -13.18
C VAL A 149 -7.54 -9.86 -12.63
N VAL A 150 -6.45 -10.05 -13.35
CA VAL A 150 -5.40 -10.93 -12.85
C VAL A 150 -4.78 -10.31 -11.59
N GLY A 151 -4.64 -8.99 -11.56
CA GLY A 151 -4.15 -8.32 -10.37
C GLY A 151 -5.07 -8.53 -9.17
N CYS A 152 -6.37 -8.46 -9.41
CA CYS A 152 -7.35 -8.72 -8.36
C CYS A 152 -7.27 -10.15 -7.81
N ILE A 153 -7.06 -11.12 -8.70
CA ILE A 153 -6.84 -12.50 -8.27
C ILE A 153 -5.54 -12.60 -7.42
N MET A 154 -4.50 -11.86 -7.81
CA MET A 154 -3.27 -11.83 -7.01
C MET A 154 -3.53 -11.26 -5.60
N LEU A 155 -4.42 -10.28 -5.49
CA LEU A 155 -4.78 -9.76 -4.16
C LEU A 155 -5.48 -10.86 -3.34
N ALA A 156 -6.35 -11.62 -4.00
CA ALA A 156 -7.02 -12.72 -3.33
C ALA A 156 -6.01 -13.76 -2.88
N VAL A 157 -5.02 -14.05 -3.73
CA VAL A 157 -3.99 -15.04 -3.41
C VAL A 157 -3.15 -14.62 -2.19
N LEU A 158 -2.64 -13.40 -2.21
CA LEU A 158 -1.80 -12.94 -1.10
C LEU A 158 -2.64 -12.89 0.19
N ALA A 159 -3.89 -12.47 0.08
CA ALA A 159 -4.78 -12.41 1.25
C ALA A 159 -5.00 -13.81 1.84
N TRP A 160 -5.27 -14.78 0.97
CA TRP A 160 -5.44 -16.16 1.42
C TRP A 160 -4.22 -16.64 2.20
N GLY A 161 -3.03 -16.39 1.67
CA GLY A 161 -1.81 -16.80 2.37
C GLY A 161 -1.68 -16.15 3.74
N MET A 162 -1.97 -14.85 3.81
CA MET A 162 -1.84 -14.10 5.05
C MET A 162 -2.88 -14.56 6.07
N ILE A 163 -3.99 -15.07 5.56
CA ILE A 163 -5.08 -15.53 6.41
C ILE A 163 -4.74 -16.85 7.13
N ASN A 164 -3.94 -17.68 6.49
CA ASN A 164 -3.73 -19.04 7.01
C ASN A 164 -3.15 -19.16 8.43
N PRO A 165 -2.20 -18.29 8.83
CA PRO A 165 -1.74 -18.41 10.22
C PRO A 165 -2.83 -18.20 11.27
N ILE A 166 -3.95 -17.59 10.88
CA ILE A 166 -5.04 -17.39 11.84
C ILE A 166 -5.59 -18.70 12.36
N PHE A 167 -5.71 -19.70 11.47
CA PHE A 167 -6.32 -20.98 11.87
C PHE A 167 -5.41 -22.19 11.67
N LYS A 168 -4.16 -21.95 11.26
CA LYS A 168 -3.19 -23.04 11.18
C LYS A 168 -2.12 -22.88 12.25
N GLU A 169 -2.28 -23.68 13.30
CA GLU A 169 -1.44 -23.60 14.49
C GLU A 169 0.04 -23.78 14.19
N GLU A 170 0.36 -24.58 13.17
CA GLU A 170 1.76 -24.83 12.82
C GLU A 170 2.44 -23.58 12.25
N LEU A 171 1.64 -22.63 11.80
CA LEU A 171 2.15 -21.36 11.24
C LEU A 171 2.21 -20.25 12.28
N GLN A 172 1.80 -20.56 13.52
CA GLN A 172 1.67 -19.55 14.56
C GLN A 172 2.94 -19.42 15.38
N LYS A 173 3.25 -18.20 15.80
CA LYS A 173 4.41 -17.94 16.64
C LYS A 173 4.02 -17.91 18.11
N HIS A 174 3.08 -17.03 18.45
CA HIS A 174 2.50 -17.00 19.79
C HIS A 174 0.98 -17.02 19.67
N LYS A 175 0.39 -18.18 19.98
CA LYS A 175 -1.02 -18.44 19.68
C LYS A 175 -1.96 -17.57 20.52
N GLU A 176 -1.54 -17.23 21.74
CA GLU A 176 -2.39 -16.47 22.64
C GLU A 176 -2.72 -15.08 22.12
N TYR A 177 -2.04 -14.66 21.05
CA TYR A 177 -2.26 -13.33 20.50
C TYR A 177 -2.68 -13.35 19.02
N THR A 178 -3.35 -14.43 18.64
CA THR A 178 -3.96 -14.55 17.32
C THR A 178 -4.95 -13.41 17.06
N GLY A 179 -5.57 -12.92 18.12
CA GLY A 179 -6.53 -11.84 18.01
C GLY A 179 -5.96 -10.56 17.42
N ALA A 180 -4.78 -10.17 17.88
CA ALA A 180 -4.14 -8.95 17.37
C ALA A 180 -3.79 -9.11 15.90
N TYR A 181 -3.22 -10.27 15.55
CA TYR A 181 -2.90 -10.57 14.15
C TYR A 181 -4.15 -10.50 13.27
N THR A 182 -5.21 -11.15 13.72
CA THR A 182 -6.47 -11.20 12.97
C THR A 182 -7.03 -9.79 12.73
N THR A 183 -7.09 -9.00 13.78
CA THR A 183 -7.63 -7.65 13.70
C THR A 183 -6.84 -6.75 12.73
N LEU A 184 -5.52 -6.73 12.88
CA LEU A 184 -4.65 -5.96 11.97
C LEU A 184 -4.77 -6.41 10.52
N LEU A 185 -4.87 -7.71 10.30
CA LEU A 185 -4.94 -8.24 8.95
C LEU A 185 -6.26 -7.90 8.29
N ILE A 186 -7.35 -7.96 9.05
CA ILE A 186 -8.66 -7.64 8.47
C ILE A 186 -8.69 -6.16 8.11
N TYR A 187 -8.15 -5.32 8.99
CA TYR A 187 -8.00 -3.90 8.71
C TYR A 187 -7.21 -3.68 7.42
N LEU A 188 -6.10 -4.39 7.26
CA LEU A 188 -5.30 -4.28 6.04
C LEU A 188 -6.08 -4.71 4.79
N ILE A 189 -6.75 -5.85 4.86
CA ILE A 189 -7.47 -6.36 3.69
C ILE A 189 -8.59 -5.41 3.27
N VAL A 190 -9.33 -4.89 4.24
CA VAL A 190 -10.42 -3.95 3.95
C VAL A 190 -9.87 -2.76 3.18
N LEU A 191 -8.77 -2.18 3.68
CA LEU A 191 -8.18 -1.02 3.02
C LEU A 191 -7.65 -1.37 1.64
N TRP A 192 -6.95 -2.50 1.53
CA TRP A 192 -6.31 -2.84 0.26
C TRP A 192 -7.32 -3.12 -0.85
N VAL A 193 -8.49 -3.65 -0.49
CA VAL A 193 -9.53 -3.91 -1.51
C VAL A 193 -10.05 -2.60 -2.11
N ILE A 194 -9.93 -1.49 -1.38
CA ILE A 194 -10.42 -0.22 -1.91
C ILE A 194 -9.55 0.27 -3.08
N TYR A 195 -8.26 -0.08 -3.06
CA TYR A 195 -7.34 0.41 -4.10
C TYR A 195 -7.79 0.00 -5.53
N PRO A 196 -8.10 -1.30 -5.77
CA PRO A 196 -8.59 -1.64 -7.12
C PRO A 196 -9.93 -0.99 -7.49
N ILE A 197 -10.76 -0.68 -6.50
CA ILE A 197 -12.00 0.02 -6.80
C ILE A 197 -11.67 1.41 -7.34
N VAL A 198 -10.77 2.12 -6.66
CA VAL A 198 -10.36 3.43 -7.14
C VAL A 198 -9.71 3.34 -8.53
N TRP A 199 -8.83 2.37 -8.71
CA TRP A 199 -8.17 2.17 -10.01
C TRP A 199 -9.21 1.90 -11.10
N GLY A 200 -10.16 1.02 -10.82
CA GLY A 200 -11.19 0.69 -11.79
C GLY A 200 -12.00 1.90 -12.23
N LEU A 201 -12.29 2.79 -11.27
CA LEU A 201 -13.08 3.97 -11.56
C LEU A 201 -12.25 5.04 -12.28
N GLY A 202 -10.94 5.06 -12.01
CA GLY A 202 -10.08 6.12 -12.50
C GLY A 202 -9.20 5.70 -13.65
N ALA A 203 -8.00 5.22 -13.32
CA ALA A 203 -7.04 4.70 -14.30
C ALA A 203 -7.68 3.76 -15.33
N GLY A 204 -8.59 2.91 -14.86
CA GLY A 204 -9.26 1.97 -15.75
C GLY A 204 -10.41 2.56 -16.54
N GLY A 205 -11.47 2.95 -15.84
CA GLY A 205 -12.72 3.33 -16.48
C GLY A 205 -12.89 4.78 -16.92
N HIS A 206 -12.05 5.68 -16.42
CA HIS A 206 -12.14 7.11 -16.71
C HIS A 206 -13.50 7.65 -16.23
N ILE A 207 -13.95 7.16 -15.08
CA ILE A 207 -15.23 7.54 -14.48
C ILE A 207 -15.04 8.64 -13.43
N ILE A 208 -13.89 8.64 -12.79
CA ILE A 208 -13.53 9.69 -11.84
C ILE A 208 -12.24 10.36 -12.31
N GLY A 209 -12.12 11.65 -11.97
CA GLY A 209 -11.00 12.46 -12.37
C GLY A 209 -9.70 12.18 -11.61
N VAL A 210 -8.63 12.76 -12.12
CA VAL A 210 -7.31 12.49 -11.58
C VAL A 210 -7.18 13.06 -10.16
N ASP A 211 -7.65 14.28 -9.92
CA ASP A 211 -7.57 14.87 -8.56
C ASP A 211 -8.34 14.02 -7.55
N VAL A 212 -9.52 13.53 -7.96
CA VAL A 212 -10.31 12.68 -7.08
C VAL A 212 -9.59 11.37 -6.75
N GLU A 213 -8.99 10.73 -7.74
CA GLU A 213 -8.23 9.51 -7.50
C GLU A 213 -7.06 9.81 -6.58
N ILE A 214 -6.46 10.99 -6.72
CA ILE A 214 -5.30 11.36 -5.89
C ILE A 214 -5.71 11.45 -4.43
N ILE A 215 -6.83 12.15 -4.20
CA ILE A 215 -7.34 12.35 -2.86
C ILE A 215 -7.75 11.01 -2.23
N ALA A 216 -8.45 10.18 -2.99
CA ALA A 216 -8.88 8.87 -2.47
C ALA A 216 -7.71 8.02 -2.03
N MET A 217 -6.67 7.94 -2.86
CA MET A 217 -5.53 7.11 -2.51
C MET A 217 -4.66 7.78 -1.45
N GLY A 218 -4.72 9.11 -1.36
CA GLY A 218 -4.05 9.82 -0.27
C GLY A 218 -4.62 9.40 1.07
N ILE A 219 -5.95 9.37 1.15
CA ILE A 219 -6.64 8.95 2.36
C ILE A 219 -6.29 7.48 2.69
N LEU A 220 -6.41 6.61 1.69
CA LEU A 220 -6.06 5.20 1.87
C LEU A 220 -4.63 5.03 2.36
N ASP A 221 -3.69 5.78 1.77
CA ASP A 221 -2.28 5.64 2.09
C ASP A 221 -2.01 6.03 3.54
N LEU A 222 -2.67 7.07 4.02
CA LEU A 222 -2.52 7.50 5.41
C LEU A 222 -3.04 6.42 6.37
N LEU A 223 -4.17 5.82 6.01
CA LEU A 223 -4.73 4.74 6.82
C LEU A 223 -3.88 3.48 6.75
N ALA A 224 -3.33 3.20 5.57
CA ALA A 224 -2.66 1.92 5.33
C ALA A 224 -1.19 1.93 5.71
N LYS A 225 -0.61 3.11 5.93
CA LYS A 225 0.82 3.18 6.26
C LYS A 225 1.05 3.73 7.68
N PRO A 226 1.00 5.07 7.90
CA PRO A 226 1.35 5.43 9.29
C PRO A 226 0.31 5.03 10.34
N LEU A 227 -0.99 5.03 10.03
CA LEU A 227 -1.95 4.60 11.05
C LEU A 227 -1.84 3.09 11.30
N TYR A 228 -1.78 2.31 10.23
CA TYR A 228 -1.49 0.88 10.32
C TYR A 228 -0.21 0.61 11.12
N ALA A 229 0.86 1.34 10.81
CA ALA A 229 2.14 1.16 11.50
C ALA A 229 2.00 1.36 13.02
N ILE A 230 1.25 2.39 13.41
CA ILE A 230 0.99 2.66 14.83
C ILE A 230 0.29 1.47 15.46
N GLY A 231 -0.66 0.88 14.74
CA GLY A 231 -1.34 -0.30 15.24
C GLY A 231 -0.42 -1.50 15.39
N VAL A 232 0.45 -1.71 14.41
CA VAL A 232 1.44 -2.79 14.49
C VAL A 232 2.42 -2.57 15.63
N LEU A 233 2.91 -1.35 15.76
CA LEU A 233 3.91 -1.04 16.78
C LEU A 233 3.31 -1.19 18.19
N ILE A 234 2.09 -0.70 18.38
CA ILE A 234 1.40 -0.88 19.66
C ILE A 234 1.23 -2.37 19.97
N THR A 235 0.82 -3.14 18.97
CA THR A 235 0.67 -4.58 19.15
C THR A 235 1.96 -5.27 19.58
N VAL A 236 3.08 -5.01 18.90
CA VAL A 236 4.30 -5.74 19.25
C VAL A 236 4.81 -5.27 20.62
N GLU A 237 4.59 -4.01 20.96
CA GLU A 237 5.00 -3.53 22.28
C GLU A 237 4.21 -4.22 23.39
N VAL A 238 2.90 -4.29 23.23
CA VAL A 238 2.06 -4.89 24.25
C VAL A 238 2.36 -6.38 24.39
N VAL A 239 2.47 -7.07 23.26
CA VAL A 239 2.74 -8.51 23.27
C VAL A 239 4.11 -8.79 23.90
N TYR A 240 5.13 -8.06 23.48
CA TYR A 240 6.47 -8.27 24.05
C TYR A 240 6.46 -8.03 25.56
N GLY A 241 5.78 -6.97 25.99
CA GLY A 241 5.66 -6.66 27.41
C GLY A 241 5.01 -7.76 28.23
N LYS A 242 4.13 -8.55 27.61
CA LYS A 242 3.41 -9.61 28.32
C LYS A 242 4.11 -10.97 28.28
N LEU A 243 5.10 -11.12 27.42
CA LEU A 243 5.77 -12.41 27.22
C LEU A 243 6.59 -12.82 28.43
C1 RET B . -4.07 -2.28 -8.34
C2 RET B . -4.66 -2.48 -9.76
C3 RET B . -4.61 -3.92 -10.22
C4 RET B . -5.44 -4.78 -9.30
C5 RET B . -5.27 -4.42 -7.84
C6 RET B . -4.52 -3.40 -7.39
C7 RET B . -4.29 -3.23 -5.95
C8 RET B . -3.38 -2.44 -5.31
C9 RET B . -3.17 -2.29 -3.88
C10 RET B . -2.39 -1.28 -3.45
C11 RET B . -2.01 -0.97 -2.11
C12 RET B . -1.19 0.12 -1.88
C13 RET B . -0.71 0.49 -0.57
C14 RET B . 0.17 1.50 -0.49
C15 RET B . 0.75 1.96 0.82
C16 RET B . -4.53 -0.93 -7.84
C17 RET B . -2.58 -2.18 -8.47
C18 RET B . -5.77 -5.56 -6.96
C19 RET B . -3.82 -3.26 -2.92
C20 RET B . -1.20 -0.24 0.67
C1 OLB C . 7.69 10.75 -11.52
C2 OLB C . 8.93 9.94 -11.21
C3 OLB C . 8.67 8.88 -10.15
C4 OLB C . 9.80 8.74 -9.16
C5 OLB C . 9.64 7.51 -8.30
O19 OLB C . 6.89 11.04 -10.66
O20 OLB C . 7.56 11.10 -12.80
C21 OLB C . 6.80 12.28 -12.99
C22 OLB C . 6.49 12.43 -14.47
O23 OLB C . 5.99 13.72 -14.73
C24 OLB C . 7.76 12.21 -15.27
O25 OLB C . 7.50 11.21 -16.25
C6 OLB C . 9.59 7.84 -6.82
C7 OLB C . 8.79 6.84 -6.03
C8 OLB C . 9.65 5.75 -5.42
C9 OLB C . 10.42 6.24 -4.21
C10 OLB C . 11.44 5.51 -3.73
C11 OLB C . 11.83 4.20 -4.38
C12 OLB C . 12.55 3.28 -3.42
C13 OLB C . 14.02 3.14 -3.75
C14 OLB C . 14.56 1.76 -3.45
C15 OLB C . 14.32 1.35 -2.02
C16 OLB C . 15.50 1.62 -1.13
C17 OLB C . 16.66 0.67 -1.39
C18 OLB C . 17.79 0.86 -0.40
C1 OLB D . -13.49 14.89 -3.94
C2 OLB D . -12.93 13.71 -3.16
C3 OLB D . -14.04 12.86 -2.57
C4 OLB D . -13.65 12.21 -1.27
C5 OLB D . -12.87 10.93 -1.48
O19 OLB D . -14.65 15.21 -3.87
O20 OLB D . -12.59 15.53 -4.70
C21 OLB D . -12.87 16.89 -4.92
C22 OLB D . -13.68 17.04 -6.20
O23 OLB D . -15.02 17.31 -5.86
C24 OLB D . -13.13 18.18 -7.04
O25 OLB D . -12.60 17.64 -8.24
C6 OLB D . -13.07 9.94 -0.36
C7 OLB D . -13.77 8.69 -0.81
C8 OLB D . -13.36 7.48 0.00
C9 OLB D . -12.03 6.91 -0.44
C10 OLB D . -11.20 6.31 0.44
C11 OLB D . -11.58 6.19 1.91
C12 OLB D . -11.74 4.75 2.33
C13 OLB D . -12.04 4.59 3.80
C14 OLB D . -12.01 3.14 4.22
C15 OLB D . -12.13 2.95 5.71
C16 OLB D . -11.87 1.52 6.12
C17 OLB D . -11.83 1.33 7.62
C18 OLB D . -11.40 -0.05 8.03
C01 C14 E . -10.84 -12.73 -6.78
C02 C14 E . -12.01 -12.15 -7.54
C03 C14 E . -11.53 -11.29 -8.70
C04 C14 E . -12.59 -10.24 -8.96
C05 C14 E . -12.17 -9.35 -10.10
C06 C14 E . -13.19 -8.24 -10.25
C07 C14 E . -12.89 -7.41 -11.48
C08 C14 E . -13.95 -6.34 -11.64
C09 C14 E . -14.33 -6.26 -13.10
C10 C14 E . -14.12 -4.85 -13.63
C11 C14 E . -14.19 -4.91 -15.14
C12 C14 E . -14.99 -3.73 -15.68
C13 C14 E . -14.80 -3.67 -17.19
C14 C14 E . -15.47 -2.42 -17.74
C1 D10 F . -10.53 -21.52 0.39
C2 D10 F . -11.05 -20.14 0.05
C3 D10 F . -9.97 -19.34 -0.65
C4 D10 F . -10.50 -17.96 -0.93
C5 D10 F . -9.36 -16.98 -1.15
C6 D10 F . -9.85 -15.58 -0.87
C7 D10 F . -9.37 -15.12 0.49
C8 D10 F . -10.42 -14.23 1.15
C9 D10 F . -10.27 -12.81 0.67
C10 D10 F . -11.40 -11.97 1.24
C1 D10 G . -0.82 9.62 11.41
C2 D10 G . -2.09 8.88 11.09
C3 D10 G . -2.90 9.68 10.10
C4 D10 G . -4.21 8.98 9.81
C5 D10 G . -5.12 9.91 9.04
C6 D10 G . -6.45 9.26 8.80
C7 D10 G . -7.46 10.28 8.33
C8 D10 G . -7.47 10.33 6.82
C9 D10 G . -8.62 11.19 6.36
C10 D10 G . -8.37 12.64 6.74
C27 R16 H . -15.79 1.12 -15.66
C28 R16 H . -16.03 0.91 -14.19
C29 R16 H . -15.20 -0.26 -13.70
C30 R16 H . -15.66 -0.68 -12.32
C31 R16 H . -14.82 0.01 -11.25
C32 R16 H . -14.99 -0.69 -9.92
C33 R16 H . -14.26 -2.02 -9.94
C34 R16 H . -14.47 -2.76 -8.63
C35 R16 H . -13.50 -3.92 -8.58
C36 R16 H . -13.42 -4.52 -7.18
C37 R16 H . -12.23 -5.46 -7.13
C38 R16 H . -12.21 -6.19 -5.80
C39 R16 H . -11.13 -7.25 -5.85
C40 R16 H . -11.22 -8.13 -4.63
C41 R16 H . -10.14 -9.19 -4.69
C42 R16 H . -9.90 -9.76 -3.31
C1 D12 I . -11.23 4.11 9.86
C2 D12 I . -11.34 5.61 9.70
C3 D12 I . -11.84 5.95 8.30
C4 D12 I . -11.79 7.45 8.12
C5 D12 I . -11.84 7.78 6.64
C6 D12 I . -11.79 9.28 6.47
C7 D12 I . -12.56 9.68 5.23
C8 D12 I . -12.76 11.19 5.25
C9 D12 I . -13.28 11.64 3.90
C10 D12 I . -13.28 13.14 3.84
C11 D12 I . -13.75 13.60 2.48
C12 D12 I . -13.40 15.06 2.27
C1 D12 J . 10.77 -5.41 -6.53
C2 D12 J . 10.64 -6.21 -5.25
C3 D12 J . 10.81 -5.29 -4.06
C4 D12 J . 10.64 -6.07 -2.77
C5 D12 J . 11.37 -5.33 -1.67
C6 D12 J . 10.67 -5.56 -0.34
C7 D12 J . 11.14 -6.87 0.26
C8 D12 J . 10.44 -7.08 1.59
C9 D12 J . 10.99 -8.31 2.28
C10 D12 J . 10.07 -9.49 2.03
C11 D12 J . 10.34 -10.58 3.05
C12 D12 J . 11.62 -11.31 2.72
#